data_3L8J
#
_entry.id   3L8J
#
_cell.length_a   77.445
_cell.length_b   77.445
_cell.length_c   108.629
_cell.angle_alpha   90.00
_cell.angle_beta   90.00
_cell.angle_gamma   90.00
#
_symmetry.space_group_name_H-M   'P 41 2 2'
#
_entity_poly.entity_id   1
_entity_poly.type   'polypeptide(L)'
_entity_poly.pdbx_seq_one_letter_code
;(UNK)(UNK)(UNK)TTSMVSMPLYAVMYPVFNELERVNLSAAQTLRAAFIKAEKENPGLTQDIIMKILEKKSVEVNFTE
SLLRMAADDVEEYMIERPEPEFQDLNEKARALKQILSKIPDEINDRVRFLQTIKDIASAIKELLDTVNNVFKKYQYQNRR
ALEHQKKEFVKYSKSFSDTLKTYFKDGKAINVFVSANRLIHQTNLILQTFKTVA
;
_entity_poly.pdbx_strand_id   A
#
# COMPACT_ATOMS: atom_id res chain seq x y z
N UNK A 1 -23.26 -35.91 3.22
CA UNK A 1 -22.49 -36.84 2.35
C UNK A 1 -21.05 -36.37 2.17
N UNK A 2 -20.15 -37.33 1.91
CA UNK A 2 -18.71 -37.11 1.71
C UNK A 2 -17.93 -36.77 2.99
N UNK A 3 -18.50 -37.12 4.15
CA UNK A 3 -17.84 -36.94 5.44
C UNK A 3 -18.25 -38.03 6.43
N THR A 4 -20.75 -32.37 12.13
CA THR A 4 -19.33 -32.18 12.37
C THR A 4 -19.06 -30.94 13.25
N THR A 5 -19.03 -29.75 12.64
CA THR A 5 -18.88 -28.49 13.37
C THR A 5 -19.98 -27.50 12.95
N SER A 6 -20.43 -26.67 13.90
CA SER A 6 -21.54 -25.73 13.67
C SER A 6 -21.22 -24.61 12.65
N MET A 7 -22.29 -24.03 12.09
CA MET A 7 -22.20 -23.03 11.02
C MET A 7 -21.65 -21.68 11.48
N VAL A 8 -21.81 -21.38 12.77
CA VAL A 8 -21.32 -20.11 13.35
C VAL A 8 -19.80 -20.02 13.38
N SER A 9 -19.13 -21.15 13.20
CA SER A 9 -17.67 -21.23 13.19
C SER A 9 -17.08 -20.93 11.81
N MET A 10 -17.94 -20.91 10.79
CA MET A 10 -17.54 -20.65 9.40
C MET A 10 -16.47 -19.56 9.23
N PRO A 11 -16.68 -18.36 9.82
CA PRO A 11 -15.73 -17.26 9.64
C PRO A 11 -14.31 -17.54 10.15
N LEU A 12 -14.17 -18.52 11.05
CA LEU A 12 -12.85 -18.90 11.55
C LEU A 12 -11.98 -19.43 10.41
N TYR A 13 -12.58 -20.24 9.55
CA TYR A 13 -11.87 -20.86 8.45
C TYR A 13 -11.96 -20.03 7.18
N ALA A 14 -13.02 -19.23 7.08
CA ALA A 14 -13.25 -18.37 5.91
C ALA A 14 -12.52 -17.04 6.00
N VAL A 15 -12.34 -16.55 7.22
CA VAL A 15 -11.73 -15.23 7.43
C VAL A 15 -10.42 -15.32 8.19
N MET A 16 -10.40 -16.04 9.30
CA MET A 16 -9.23 -16.08 10.17
C MET A 16 -8.10 -16.99 9.66
N TYR A 17 -8.47 -18.18 9.20
CA TYR A 17 -7.48 -19.14 8.67
C TYR A 17 -6.65 -18.61 7.50
N PRO A 18 -7.28 -17.88 6.55
CA PRO A 18 -6.47 -17.31 5.47
C PRO A 18 -5.57 -16.17 5.94
N VAL A 19 -5.94 -15.52 7.04
CA VAL A 19 -5.11 -14.48 7.65
C VAL A 19 -3.83 -15.10 8.22
N PHE A 20 -3.98 -16.22 8.94
CA PHE A 20 -2.85 -16.87 9.59
C PHE A 20 -1.86 -17.48 8.59
N ASN A 21 -2.37 -17.99 7.48
CA ASN A 21 -1.54 -18.58 6.44
C ASN A 21 -0.68 -17.57 5.69
N GLU A 22 -1.21 -16.37 5.50
CA GLU A 22 -0.47 -15.27 4.91
C GLU A 22 0.40 -14.59 5.97
N LEU A 23 0.19 -14.98 7.23
CA LEU A 23 0.92 -14.42 8.35
C LEU A 23 2.10 -15.31 8.73
N GLU A 24 1.98 -16.61 8.45
CA GLU A 24 3.07 -17.56 8.66
C GLU A 24 4.27 -17.26 7.75
N ARG A 25 4.00 -16.49 6.69
CA ARG A 25 5.03 -16.07 5.74
C ARG A 25 5.96 -15.02 6.33
N VAL A 26 5.41 -14.10 7.13
CA VAL A 26 6.16 -12.98 7.69
C VAL A 26 6.67 -13.24 9.12
N ASN A 27 5.81 -13.82 9.97
CA ASN A 27 6.18 -14.18 11.34
C ASN A 27 5.42 -15.42 11.83
N LEU A 28 6.07 -16.58 11.69
CA LEU A 28 5.48 -17.86 12.10
C LEU A 28 5.16 -17.88 13.59
N SER A 29 6.06 -17.31 14.40
CA SER A 29 5.90 -17.29 15.85
C SER A 29 4.50 -16.82 16.25
N ALA A 30 4.15 -15.60 15.85
CA ALA A 30 2.85 -14.99 16.17
C ALA A 30 1.69 -15.72 15.51
N ALA A 31 1.84 -16.03 14.22
CA ALA A 31 0.81 -16.68 13.43
C ALA A 31 0.36 -18.01 14.03
N GLN A 32 1.32 -18.78 14.51
CA GLN A 32 1.08 -20.06 15.15
C GLN A 32 0.37 -19.88 16.49
N THR A 33 0.86 -18.91 17.27
CA THR A 33 0.31 -18.61 18.60
C THR A 33 -1.14 -18.14 18.53
N LEU A 34 -1.45 -17.34 17.52
CA LEU A 34 -2.80 -16.82 17.31
C LEU A 34 -3.75 -17.87 16.76
N ARG A 35 -3.22 -18.70 15.86
CA ARG A 35 -3.97 -19.80 15.24
C ARG A 35 -4.64 -20.67 16.29
N ALA A 36 -3.82 -21.28 17.15
CA ALA A 36 -4.30 -22.18 18.19
C ALA A 36 -5.10 -21.46 19.28
N ALA A 37 -4.81 -20.18 19.47
CA ALA A 37 -5.54 -19.36 20.43
C ALA A 37 -7.01 -19.20 20.01
N PHE A 38 -7.22 -18.91 18.73
CA PHE A 38 -8.57 -18.82 18.17
C PHE A 38 -9.27 -20.18 18.13
N ILE A 39 -8.53 -21.22 17.76
CA ILE A 39 -9.08 -22.58 17.68
C ILE A 39 -9.63 -23.03 19.04
N LYS A 40 -8.83 -22.89 20.09
CA LYS A 40 -9.26 -23.18 21.46
C LYS A 40 -10.48 -22.35 21.83
N ALA A 41 -10.45 -21.07 21.46
CA ALA A 41 -11.52 -20.11 21.78
C ALA A 41 -12.86 -20.48 21.15
N GLU A 42 -12.81 -21.08 19.96
CA GLU A 42 -14.02 -21.45 19.23
C GLU A 42 -14.60 -22.77 19.74
N LYS A 43 -13.72 -23.67 20.19
CA LYS A 43 -14.14 -24.89 20.87
C LYS A 43 -14.85 -24.56 22.19
N GLU A 44 -14.35 -23.52 22.88
CA GLU A 44 -14.98 -23.02 24.12
C GLU A 44 -16.38 -22.49 23.82
N ASN A 45 -16.43 -21.37 23.09
CA ASN A 45 -17.68 -20.71 22.73
C ASN A 45 -17.85 -20.69 21.21
N PRO A 46 -18.83 -21.45 20.69
CA PRO A 46 -19.11 -21.44 19.26
C PRO A 46 -19.72 -20.10 18.82
N GLY A 47 -19.12 -19.49 17.81
CA GLY A 47 -19.59 -18.22 17.26
C GLY A 47 -18.79 -17.02 17.72
N LEU A 48 -17.85 -17.26 18.64
CA LEU A 48 -17.06 -16.18 19.25
C LEU A 48 -16.19 -15.48 18.23
N THR A 49 -15.66 -16.23 17.27
CA THR A 49 -14.83 -15.68 16.20
C THR A 49 -15.62 -14.66 15.38
N GLN A 50 -16.89 -14.96 15.13
CA GLN A 50 -17.79 -14.05 14.43
C GLN A 50 -18.00 -12.76 15.23
N ASP A 51 -18.28 -12.92 16.53
CA ASP A 51 -18.46 -11.79 17.42
C ASP A 51 -17.23 -10.89 17.40
N ILE A 52 -16.05 -11.51 17.43
CA ILE A 52 -14.77 -10.79 17.33
C ILE A 52 -14.68 -10.05 16.00
N ILE A 53 -14.92 -10.78 14.90
CA ILE A 53 -14.82 -10.20 13.56
C ILE A 53 -15.82 -9.06 13.34
N MET A 54 -17.03 -9.21 13.89
CA MET A 54 -18.05 -8.16 13.80
C MET A 54 -17.64 -6.88 14.53
N LYS A 55 -17.05 -7.03 15.72
CA LYS A 55 -16.57 -5.90 16.51
C LYS A 55 -15.45 -5.12 15.82
N ILE A 56 -14.61 -5.84 15.08
CA ILE A 56 -13.53 -5.25 14.31
C ILE A 56 -14.08 -4.45 13.12
N LEU A 57 -15.08 -5.03 12.45
CA LEU A 57 -15.74 -4.38 11.31
C LEU A 57 -16.45 -3.09 11.73
N GLU A 58 -16.95 -3.06 12.96
CA GLU A 58 -17.64 -1.90 13.50
C GLU A 58 -16.73 -0.68 13.67
N LYS A 59 -15.44 -0.94 13.85
CA LYS A 59 -14.43 0.12 13.99
C LYS A 59 -13.88 0.54 12.62
N LYS A 60 -14.73 0.49 11.60
CA LYS A 60 -14.34 0.85 10.23
C LYS A 60 -13.86 2.30 10.17
N SER A 61 -14.65 3.22 10.71
CA SER A 61 -14.31 4.65 10.72
C SER A 61 -12.98 4.94 11.42
N VAL A 62 -12.71 4.20 12.51
CA VAL A 62 -11.44 4.28 13.23
C VAL A 62 -10.28 3.88 12.31
N GLU A 63 -10.47 2.77 11.60
CA GLU A 63 -9.46 2.25 10.68
C GLU A 63 -9.28 3.11 9.45
N VAL A 64 -10.37 3.72 8.99
CA VAL A 64 -10.30 4.64 7.85
C VAL A 64 -9.51 5.87 8.26
N ASN A 65 -9.91 6.50 9.36
CA ASN A 65 -9.22 7.67 9.89
C ASN A 65 -7.77 7.40 10.28
N PHE A 66 -7.46 6.15 10.60
CA PHE A 66 -6.08 5.75 10.89
C PHE A 66 -5.24 5.64 9.61
N THR A 67 -5.78 5.03 8.57
CA THR A 67 -5.09 4.89 7.30
C THR A 67 -4.94 6.24 6.60
N GLU A 68 -5.95 7.10 6.75
CA GLU A 68 -5.89 8.48 6.27
C GLU A 68 -4.65 9.16 6.86
N SER A 69 -4.57 9.14 8.19
CA SER A 69 -3.44 9.72 8.94
C SER A 69 -2.11 9.14 8.47
N LEU A 70 -2.10 7.83 8.24
CA LEU A 70 -0.91 7.09 7.83
C LEU A 70 -0.43 7.52 6.45
N LEU A 71 -1.36 7.87 5.58
CA LEU A 71 -1.04 8.32 4.22
C LEU A 71 -0.50 9.74 4.20
N ARG A 72 -1.08 10.63 5.01
CA ARG A 72 -0.61 12.01 5.13
C ARG A 72 0.81 12.05 5.69
N MET A 73 1.03 11.23 6.72
CA MET A 73 2.32 11.09 7.39
C MET A 73 3.42 10.65 6.43
N ALA A 74 3.07 9.77 5.50
CA ALA A 74 4.01 9.15 4.56
C ALA A 74 4.49 10.10 3.44
N ALA A 75 4.81 11.34 3.83
CA ALA A 75 5.49 12.29 2.95
C ALA A 75 6.56 13.01 3.75
N ASP A 76 6.48 12.89 5.07
CA ASP A 76 7.45 13.48 6.00
C ASP A 76 8.82 12.82 5.85
N ASP A 77 9.86 13.61 6.17
CA ASP A 77 11.26 13.19 5.99
C ASP A 77 11.58 12.68 4.58
N VAL A 78 11.66 13.63 3.65
CA VAL A 78 12.07 13.36 2.28
C VAL A 78 13.58 13.58 2.14
N GLU A 79 14.16 14.32 3.08
CA GLU A 79 15.61 14.53 3.15
C GLU A 79 16.36 13.23 3.48
N GLU A 80 15.62 12.22 3.92
CA GLU A 80 16.17 10.90 4.17
C GLU A 80 16.45 10.15 2.87
N TYR A 81 15.72 10.50 1.81
CA TYR A 81 15.83 9.81 0.52
C TYR A 81 16.37 10.72 -0.61
N MET A 82 17.38 11.51 -0.29
CA MET A 82 18.03 12.37 -1.28
C MET A 82 19.35 11.77 -1.74
N ILE A 83 19.62 11.86 -3.04
CA ILE A 83 20.79 11.23 -3.65
C ILE A 83 22.03 12.12 -3.59
N GLU A 84 23.19 11.50 -3.42
CA GLU A 84 24.46 12.21 -3.44
C GLU A 84 25.00 12.40 -4.86
N ARG A 85 24.57 11.54 -5.77
CA ARG A 85 25.08 11.49 -7.15
C ARG A 85 24.97 12.81 -7.93
N PRO A 86 26.02 13.15 -8.70
CA PRO A 86 26.01 14.34 -9.54
C PRO A 86 25.50 14.05 -10.97
N GLU A 87 24.68 14.94 -11.53
CA GLU A 87 24.24 16.18 -10.88
C GLU A 87 22.79 16.57 -11.23
N PRO A 88 22.52 16.97 -12.51
CA PRO A 88 21.24 17.62 -12.82
C PRO A 88 20.02 16.69 -12.81
N GLU A 89 20.14 15.53 -13.45
CA GLU A 89 19.02 14.60 -13.59
C GLU A 89 18.59 13.97 -12.26
N PHE A 90 19.54 13.82 -11.35
CA PHE A 90 19.26 13.25 -10.02
C PHE A 90 18.50 14.22 -9.12
N GLN A 91 18.75 15.51 -9.30
CA GLN A 91 17.98 16.56 -8.64
C GLN A 91 16.54 16.55 -9.16
N ASP A 92 16.42 16.36 -10.47
CA ASP A 92 15.12 16.29 -11.15
C ASP A 92 14.32 15.06 -10.71
N LEU A 93 15.02 13.93 -10.54
CA LEU A 93 14.42 12.71 -10.01
C LEU A 93 13.86 12.98 -8.61
N ASN A 94 14.70 13.56 -7.76
CA ASN A 94 14.34 13.92 -6.38
C ASN A 94 13.10 14.80 -6.29
N GLU A 95 12.99 15.75 -7.22
CA GLU A 95 11.83 16.63 -7.31
C GLU A 95 10.59 15.86 -7.73
N LYS A 96 10.66 15.20 -8.89
CA LYS A 96 9.54 14.40 -9.41
C LYS A 96 9.04 13.36 -8.42
N ALA A 97 9.95 12.83 -7.61
CA ALA A 97 9.62 11.87 -6.57
C ALA A 97 8.88 12.53 -5.39
N ARG A 98 9.48 13.61 -4.86
CA ARG A 98 8.89 14.36 -3.75
C ARG A 98 7.51 14.88 -4.13
N ALA A 99 7.43 15.51 -5.30
CA ALA A 99 6.18 16.03 -5.85
C ALA A 99 5.09 14.95 -5.80
N LEU A 100 5.37 13.80 -6.41
CA LEU A 100 4.43 12.69 -6.46
C LEU A 100 4.02 12.20 -5.07
N LYS A 101 4.99 12.03 -4.18
CA LYS A 101 4.73 11.53 -2.81
C LYS A 101 3.81 12.47 -2.04
N GLN A 102 3.94 13.77 -2.28
CA GLN A 102 3.10 14.76 -1.63
C GLN A 102 1.68 14.75 -2.18
N ILE A 103 1.55 14.83 -3.50
CA ILE A 103 0.26 14.77 -4.18
C ILE A 103 -0.56 13.58 -3.67
N LEU A 104 0.10 12.43 -3.53
CA LEU A 104 -0.54 11.22 -3.02
C LEU A 104 -0.94 11.35 -1.55
N SER A 105 -0.02 11.88 -0.73
CA SER A 105 -0.24 11.98 0.71
C SER A 105 -1.44 12.85 1.07
N LYS A 106 -1.86 13.71 0.15
CA LYS A 106 -2.92 14.67 0.41
C LYS A 106 -4.28 14.26 -0.17
N ILE A 107 -4.38 13.00 -0.59
CA ILE A 107 -5.62 12.44 -1.16
C ILE A 107 -6.81 12.41 -0.18
N PRO A 108 -6.58 12.02 1.10
CA PRO A 108 -7.72 11.90 2.06
C PRO A 108 -8.52 13.20 2.27
N ASP A 109 -7.97 14.32 1.82
CA ASP A 109 -8.62 15.62 1.96
C ASP A 109 -9.15 16.11 0.61
N GLU A 110 -8.72 15.46 -0.47
CA GLU A 110 -9.16 15.79 -1.82
C GLU A 110 -10.30 14.89 -2.32
N ILE A 111 -10.41 13.71 -1.71
CA ILE A 111 -11.40 12.69 -2.11
C ILE A 111 -12.83 13.07 -1.72
N ASN A 112 -12.98 14.09 -0.87
CA ASN A 112 -14.29 14.60 -0.46
C ASN A 112 -15.04 15.24 -1.62
N ASP A 113 -14.41 16.25 -2.24
CA ASP A 113 -14.94 16.86 -3.46
C ASP A 113 -14.68 15.97 -4.65
N ARG A 114 -15.68 15.78 -5.49
CA ARG A 114 -15.51 15.01 -6.72
C ARG A 114 -14.80 15.86 -7.78
N VAL A 115 -14.98 17.17 -7.67
CA VAL A 115 -14.31 18.13 -8.55
C VAL A 115 -12.79 18.21 -8.28
N ARG A 116 -12.43 18.27 -7.00
CA ARG A 116 -11.03 18.32 -6.60
C ARG A 116 -10.32 16.99 -6.89
N PHE A 117 -11.04 15.89 -6.68
CA PHE A 117 -10.46 14.54 -6.81
C PHE A 117 -10.18 14.11 -8.25
N LEU A 118 -11.09 14.44 -9.16
CA LEU A 118 -10.92 14.12 -10.58
C LEU A 118 -9.73 14.89 -11.17
N GLN A 119 -9.45 16.05 -10.58
CA GLN A 119 -8.26 16.84 -10.91
C GLN A 119 -7.00 16.16 -10.37
N THR A 120 -7.09 15.62 -9.15
CA THR A 120 -5.96 14.94 -8.50
C THR A 120 -5.53 13.67 -9.26
N ILE A 121 -6.49 12.95 -9.81
CA ILE A 121 -6.21 11.78 -10.65
C ILE A 121 -5.39 12.18 -11.87
N LYS A 122 -5.80 13.27 -12.53
CA LYS A 122 -5.05 13.85 -13.63
C LYS A 122 -3.67 14.32 -13.15
N ASP A 123 -3.65 14.87 -11.92
CA ASP A 123 -2.44 15.45 -11.35
C ASP A 123 -1.40 14.38 -10.96
N ILE A 124 -1.89 13.24 -10.46
CA ILE A 124 -1.04 12.10 -10.10
C ILE A 124 -0.47 11.42 -11.36
N ALA A 125 -1.35 11.20 -12.33
CA ALA A 125 -0.96 10.60 -13.62
C ALA A 125 0.17 11.39 -14.28
N SER A 126 0.11 12.72 -14.14
CA SER A 126 1.14 13.61 -14.68
C SER A 126 2.47 13.44 -13.93
N ALA A 127 2.38 13.29 -12.61
CA ALA A 127 3.58 13.14 -11.77
C ALA A 127 4.25 11.78 -11.97
N ILE A 128 3.45 10.75 -12.23
CA ILE A 128 3.97 9.41 -12.51
C ILE A 128 4.64 9.36 -13.88
N LYS A 129 3.98 9.92 -14.88
CA LYS A 129 4.52 9.99 -16.24
C LYS A 129 5.87 10.71 -16.24
N GLU A 130 5.93 11.85 -15.56
CA GLU A 130 7.15 12.64 -15.43
C GLU A 130 8.19 11.99 -14.51
N LEU A 131 7.73 11.09 -13.64
CA LEU A 131 8.63 10.35 -12.76
C LEU A 131 9.37 9.28 -13.57
N LEU A 132 8.62 8.48 -14.34
CA LEU A 132 9.20 7.43 -15.18
C LEU A 132 10.04 8.03 -16.30
N ASP A 133 9.56 9.13 -16.87
CA ASP A 133 10.29 9.91 -17.87
C ASP A 133 11.72 10.22 -17.39
N THR A 134 11.83 10.63 -16.14
CA THR A 134 13.12 10.96 -15.53
C THR A 134 13.98 9.72 -15.28
N VAL A 135 13.35 8.63 -14.82
CA VAL A 135 14.05 7.39 -14.50
C VAL A 135 14.76 6.81 -15.72
N ASN A 136 14.02 6.67 -16.82
CA ASN A 136 14.55 6.12 -18.08
C ASN A 136 15.72 6.93 -18.64
N ASN A 137 15.74 8.23 -18.36
CA ASN A 137 16.81 9.12 -18.79
C ASN A 137 18.13 8.84 -18.06
N VAL A 138 18.02 8.47 -16.78
CA VAL A 138 19.18 8.05 -16.00
C VAL A 138 19.62 6.63 -16.43
N PHE A 139 18.63 5.86 -16.87
CA PHE A 139 18.85 4.48 -17.35
C PHE A 139 19.48 4.45 -18.74
N LYS A 140 19.41 5.57 -19.45
CA LYS A 140 19.97 5.66 -20.80
C LYS A 140 21.35 6.33 -20.83
N LYS A 141 21.50 7.42 -20.08
CA LYS A 141 22.74 8.19 -20.11
C LYS A 141 23.77 7.80 -19.04
N TYR A 142 23.41 8.00 -17.78
CA TYR A 142 24.34 7.79 -16.67
C TYR A 142 24.71 6.33 -16.46
N GLN A 143 26.01 6.08 -16.32
CA GLN A 143 26.55 4.74 -16.13
C GLN A 143 26.16 4.19 -14.75
N TYR A 144 25.47 3.05 -14.76
CA TYR A 144 24.86 2.48 -13.57
C TYR A 144 25.91 1.78 -12.70
N GLN A 145 26.68 2.59 -11.99
CA GLN A 145 27.80 2.10 -11.19
C GLN A 145 27.34 1.31 -9.96
N ASN A 146 27.92 0.12 -9.80
CA ASN A 146 27.68 -0.79 -8.67
C ASN A 146 26.32 -1.49 -8.61
N ARG A 147 25.29 -0.89 -9.20
CA ARG A 147 23.92 -1.43 -9.09
C ARG A 147 23.11 -1.36 -10.38
N ARG A 148 22.16 -2.29 -10.51
CA ARG A 148 21.15 -2.27 -11.57
C ARG A 148 19.98 -3.19 -11.22
N ALA A 149 19.65 -3.24 -9.93
CA ALA A 149 18.39 -3.81 -9.46
C ALA A 149 17.33 -2.73 -9.49
N LEU A 150 17.76 -1.53 -9.91
CA LEU A 150 16.91 -0.37 -10.11
C LEU A 150 15.82 -0.66 -11.13
N GLU A 151 16.19 -1.44 -12.16
CA GLU A 151 15.28 -1.86 -13.22
C GLU A 151 14.12 -2.69 -12.65
N HIS A 152 14.43 -3.54 -11.68
CA HIS A 152 13.43 -4.32 -10.96
C HIS A 152 12.45 -3.43 -10.21
N GLN A 153 12.99 -2.40 -9.54
CA GLN A 153 12.17 -1.45 -8.80
C GLN A 153 11.30 -0.61 -9.73
N LYS A 154 11.86 -0.22 -10.87
CA LYS A 154 11.12 0.51 -11.90
C LYS A 154 9.93 -0.30 -12.39
N LYS A 155 10.13 -1.61 -12.54
CA LYS A 155 9.06 -2.53 -12.92
C LYS A 155 8.08 -2.72 -11.76
N GLU A 156 8.60 -2.72 -10.53
CA GLU A 156 7.78 -2.84 -9.33
C GLU A 156 6.92 -1.60 -9.08
N PHE A 157 7.48 -0.43 -9.36
CA PHE A 157 6.75 0.83 -9.28
C PHE A 157 5.56 0.81 -10.24
N VAL A 158 5.81 0.36 -11.47
CA VAL A 158 4.78 0.24 -12.51
C VAL A 158 3.63 -0.66 -12.06
N LYS A 159 3.98 -1.81 -11.47
CA LYS A 159 2.99 -2.77 -10.98
C LYS A 159 2.08 -2.16 -9.92
N TYR A 160 2.65 -1.31 -9.06
CA TYR A 160 1.90 -0.63 -8.01
C TYR A 160 1.17 0.61 -8.51
N SER A 161 1.59 1.13 -9.66
CA SER A 161 0.93 2.26 -10.30
C SER A 161 -0.36 1.82 -11.01
N LYS A 162 -0.27 0.73 -11.78
CA LYS A 162 -1.44 0.15 -12.45
C LYS A 162 -2.44 -0.43 -11.45
N SER A 163 -1.93 -0.88 -10.31
CA SER A 163 -2.76 -1.40 -9.23
C SER A 163 -3.50 -0.24 -8.56
N PHE A 164 -2.82 0.91 -8.46
CA PHE A 164 -3.43 2.13 -7.94
C PHE A 164 -4.57 2.59 -8.85
N SER A 165 -4.30 2.61 -10.15
CA SER A 165 -5.31 2.95 -11.15
C SER A 165 -6.50 1.99 -11.12
N ASP A 166 -6.22 0.71 -10.87
CA ASP A 166 -7.25 -0.32 -10.84
C ASP A 166 -8.19 -0.16 -9.65
N THR A 167 -7.62 0.07 -8.46
CA THR A 167 -8.40 0.31 -7.24
C THR A 167 -9.10 1.67 -7.28
N LEU A 168 -8.54 2.58 -8.06
CA LEU A 168 -9.10 3.92 -8.26
C LEU A 168 -10.38 3.82 -9.09
N LYS A 169 -10.32 3.01 -10.14
CA LYS A 169 -11.47 2.75 -11.00
C LYS A 169 -12.47 1.82 -10.31
N THR A 170 -12.02 1.14 -9.26
CA THR A 170 -12.88 0.32 -8.42
C THR A 170 -13.63 1.20 -7.42
N TYR A 171 -13.02 2.33 -7.05
CA TYR A 171 -13.64 3.28 -6.12
C TYR A 171 -14.91 3.90 -6.70
N PHE A 172 -14.95 4.05 -8.01
CA PHE A 172 -16.14 4.54 -8.70
C PHE A 172 -17.14 3.41 -8.97
N LYS A 173 -17.01 2.33 -8.21
CA LYS A 173 -17.92 1.19 -8.28
C LYS A 173 -18.28 0.72 -6.86
N ASP A 174 -17.29 0.77 -5.96
CA ASP A 174 -17.46 0.37 -4.56
C ASP A 174 -17.86 1.52 -3.66
N GLY A 175 -17.12 2.63 -3.74
CA GLY A 175 -17.28 3.74 -2.81
C GLY A 175 -16.36 3.58 -1.61
N LYS A 176 -15.66 2.44 -1.57
CA LYS A 176 -14.71 2.13 -0.50
C LYS A 176 -13.44 2.94 -0.68
N ALA A 177 -13.34 4.05 0.05
CA ALA A 177 -12.20 4.96 -0.04
C ALA A 177 -10.94 4.41 0.61
N ILE A 178 -11.12 3.47 1.54
CA ILE A 178 -10.00 2.90 2.29
C ILE A 178 -8.97 2.22 1.37
N ASN A 179 -9.47 1.49 0.37
CA ASN A 179 -8.62 0.81 -0.60
C ASN A 179 -7.75 1.79 -1.40
N VAL A 180 -8.28 3.00 -1.63
CA VAL A 180 -7.55 4.05 -2.32
C VAL A 180 -6.39 4.56 -1.47
N PHE A 181 -6.64 4.73 -0.17
CA PHE A 181 -5.65 5.23 0.77
C PHE A 181 -4.53 4.23 1.01
N VAL A 182 -4.87 2.95 0.97
CA VAL A 182 -3.90 1.88 1.14
C VAL A 182 -3.01 1.78 -0.10
N SER A 183 -3.65 1.72 -1.26
CA SER A 183 -2.96 1.64 -2.55
C SER A 183 -2.06 2.84 -2.80
N ALA A 184 -2.56 4.04 -2.47
CA ALA A 184 -1.78 5.27 -2.58
C ALA A 184 -0.56 5.21 -1.68
N ASN A 185 -0.77 4.77 -0.45
CA ASN A 185 0.31 4.62 0.53
C ASN A 185 1.36 3.62 0.05
N ARG A 186 0.88 2.51 -0.50
CA ARG A 186 1.73 1.48 -1.11
C ARG A 186 2.64 2.05 -2.20
N LEU A 187 2.09 2.95 -3.02
CA LEU A 187 2.82 3.54 -4.13
C LEU A 187 3.93 4.47 -3.65
N ILE A 188 3.71 5.13 -2.52
CA ILE A 188 4.72 5.99 -1.89
C ILE A 188 5.91 5.15 -1.42
N HIS A 189 5.62 3.99 -0.84
CA HIS A 189 6.65 3.05 -0.38
C HIS A 189 7.52 2.60 -1.56
N GLN A 190 6.87 2.37 -2.70
CA GLN A 190 7.58 1.97 -3.92
C GLN A 190 8.49 3.08 -4.43
N THR A 191 7.99 4.31 -4.37
CA THR A 191 8.76 5.49 -4.75
C THR A 191 10.00 5.60 -3.87
N ASN A 192 9.81 5.37 -2.57
CA ASN A 192 10.90 5.39 -1.59
C ASN A 192 11.96 4.32 -1.86
N LEU A 193 11.50 3.15 -2.34
CA LEU A 193 12.40 2.04 -2.64
C LEU A 193 13.37 2.38 -3.76
N ILE A 194 12.85 2.88 -4.88
CA ILE A 194 13.67 3.35 -6.00
C ILE A 194 14.76 4.30 -5.49
N LEU A 195 14.32 5.34 -4.77
CA LEU A 195 15.20 6.36 -4.23
C LEU A 195 16.31 5.79 -3.34
N GLN A 196 15.95 4.86 -2.47
CA GLN A 196 16.92 4.23 -1.57
C GLN A 196 17.87 3.29 -2.31
N THR A 197 17.38 2.69 -3.40
CA THR A 197 18.20 1.80 -4.23
C THR A 197 19.25 2.60 -5.02
N PHE A 198 18.98 3.88 -5.27
CA PHE A 198 19.97 4.79 -5.84
C PHE A 198 21.04 5.17 -4.82
N LYS A 199 20.71 5.02 -3.53
CA LYS A 199 21.61 5.35 -2.44
C LYS A 199 22.43 4.13 -2.00
N THR A 200 21.73 3.07 -1.63
CA THR A 200 22.34 1.86 -1.04
C THR A 200 23.10 1.03 -2.08
#